data_7FIB
#
_entry.id   7FIB
#
_cell.length_a   125.215
_cell.length_b   125.215
_cell.length_c   61.580
_cell.angle_alpha   90.000
_cell.angle_beta   90.000
_cell.angle_gamma   120.000
#
_symmetry.space_group_name_H-M   'P 65'
#
loop_
_entity.id
_entity.type
_entity.pdbx_description
1 polymer 'LysR family transcriptional regulator'
2 non-polymer 'BROMIDE ION'
3 water water
#
_entity_poly.entity_id   1
_entity_poly.type   'polypeptide(L)'
_entity_poly.pdbx_seq_one_letter_code
;PNLTIVVVSELLHTNWTDYVCLLESRFPDLQINIVSAPQEDALQMLLDGSAQLALMFEREHLDNREQFVELKREALIPVI
SKTHPLASQEHVSYEQILGTRQIVVASRDETLKPELLFSKHYWRTDNHHSACLMILRNLGWGVLPQEMFKENPELNNKLK
ALDVFDFTPRFEYYVDLVWSRESELGAAARFLIDYIRNKRMQPAPLEHHHHHH
;
_entity_poly.pdbx_strand_id   A,B
#
# COMPACT_ATOMS: atom_id res chain seq x y z
N PRO A 1 1.82 -15.59 21.90
CA PRO A 1 1.25 -16.05 20.63
C PRO A 1 0.90 -14.86 19.72
N ASN A 2 0.89 -15.09 18.40
CA ASN A 2 0.57 -14.06 17.44
C ASN A 2 -0.15 -14.65 16.25
N LEU A 3 -0.91 -13.79 15.60
CA LEU A 3 -1.66 -14.14 14.41
C LEU A 3 -1.21 -13.23 13.27
N THR A 4 -0.67 -13.81 12.21
CA THR A 4 -0.27 -13.04 11.03
C THR A 4 -1.24 -13.32 9.88
N ILE A 5 -1.85 -12.26 9.36
CA ILE A 5 -2.78 -12.33 8.23
C ILE A 5 -2.13 -11.60 7.05
N VAL A 6 -2.00 -12.28 5.92
CA VAL A 6 -1.47 -11.64 4.72
C VAL A 6 -2.64 -11.25 3.83
N VAL A 7 -2.74 -9.96 3.51
CA VAL A 7 -3.75 -9.43 2.61
C VAL A 7 -3.09 -9.24 1.26
N VAL A 8 -3.53 -9.99 0.26
CA VAL A 8 -2.96 -9.86 -1.08
C VAL A 8 -3.01 -8.40 -1.53
N SER A 9 -1.96 -7.96 -2.23
CA SER A 9 -1.81 -6.54 -2.53
C SER A 9 -3.08 -5.93 -3.13
N GLU A 10 -3.73 -6.64 -4.08
CA GLU A 10 -4.89 -6.08 -4.78
C GLU A 10 -6.06 -5.77 -3.87
N LEU A 11 -6.08 -6.39 -2.67
CA LEU A 11 -7.18 -6.27 -1.72
C LEU A 11 -6.87 -5.34 -0.57
N LEU A 12 -5.70 -4.69 -0.59
CA LEU A 12 -5.34 -3.78 0.49
C LEU A 12 -6.39 -2.68 0.68
N HIS A 13 -6.82 -2.06 -0.40
CA HIS A 13 -7.76 -0.95 -0.32
C HIS A 13 -9.20 -1.41 -0.43
N THR A 14 -9.50 -2.48 0.32
CA THR A 14 -10.74 -3.25 0.46
C THR A 14 -11.13 -3.21 1.95
N ASN A 15 -11.84 -4.20 2.51
CA ASN A 15 -12.61 -4.06 3.73
C ASN A 15 -12.18 -4.99 4.87
N TRP A 16 -10.93 -5.41 4.90
CA TRP A 16 -10.52 -6.44 5.83
C TRP A 16 -10.60 -6.00 7.29
N THR A 17 -10.81 -4.72 7.55
CA THR A 17 -10.68 -4.24 8.92
C THR A 17 -11.74 -4.84 9.86
N ASP A 18 -12.92 -5.20 9.33
CA ASP A 18 -13.95 -5.80 10.20
C ASP A 18 -13.46 -7.10 10.82
N TYR A 19 -12.76 -7.93 10.04
CA TYR A 19 -12.26 -9.18 10.60
C TYR A 19 -11.25 -8.93 11.72
N VAL A 20 -10.44 -7.88 11.59
CA VAL A 20 -9.46 -7.59 12.63
C VAL A 20 -10.15 -7.15 13.91
N CYS A 21 -11.21 -6.35 13.78
CA CYS A 21 -11.94 -5.88 14.95
C CYS A 21 -12.61 -7.04 15.68
N LEU A 22 -13.22 -7.97 14.92
CA LEU A 22 -13.76 -9.19 15.52
C LEU A 22 -12.69 -9.91 16.33
N LEU A 23 -11.55 -10.17 15.70
CA LEU A 23 -10.47 -10.90 16.36
C LEU A 23 -10.00 -10.17 17.62
N GLU A 24 -9.83 -8.84 17.52
CA GLU A 24 -9.32 -8.05 18.64
C GLU A 24 -10.29 -8.05 19.82
N SER A 25 -11.60 -7.98 19.54
CA SER A 25 -12.58 -8.01 20.63
C SER A 25 -12.54 -9.34 21.39
N ARG A 26 -12.43 -10.45 20.65
CA ARG A 26 -12.45 -11.78 21.25
C ARG A 26 -11.11 -12.12 21.92
N PHE A 27 -9.99 -11.56 21.43
CA PHE A 27 -8.65 -11.90 21.95
C PHE A 27 -7.86 -10.63 22.25
N PRO A 28 -8.13 -9.99 23.39
CA PRO A 28 -7.56 -8.66 23.65
C PRO A 28 -6.04 -8.67 23.89
N ASP A 29 -5.41 -9.81 24.05
CA ASP A 29 -3.95 -9.87 24.21
C ASP A 29 -3.26 -10.45 22.99
N LEU A 30 -4.00 -10.74 21.93
CA LEU A 30 -3.41 -11.29 20.73
C LEU A 30 -2.68 -10.23 19.94
N GLN A 31 -1.48 -10.57 19.47
CA GLN A 31 -0.77 -9.72 18.54
C GLN A 31 -1.17 -10.12 17.13
N ILE A 32 -1.75 -9.16 16.39
CA ILE A 32 -2.22 -9.42 15.03
C ILE A 32 -1.36 -8.60 14.07
N ASN A 33 -0.68 -9.29 13.17
CA ASN A 33 0.20 -8.65 12.21
C ASN A 33 -0.45 -8.74 10.85
N ILE A 34 -0.76 -7.60 10.27
CA ILE A 34 -1.35 -7.48 8.95
C ILE A 34 -0.24 -7.17 7.96
N VAL A 35 0.08 -8.14 7.11
CA VAL A 35 1.12 -7.95 6.10
C VAL A 35 0.50 -8.12 4.73
N SER A 36 1.21 -7.65 3.72
CA SER A 36 0.72 -7.69 2.35
C SER A 36 1.77 -8.28 1.43
N ALA A 37 1.31 -8.98 0.40
CA ALA A 37 2.20 -9.68 -0.50
C ALA A 37 1.46 -9.98 -1.79
N PRO A 38 2.17 -10.20 -2.88
CA PRO A 38 1.56 -10.77 -4.07
C PRO A 38 0.88 -12.09 -3.73
N GLN A 39 -0.16 -12.41 -4.50
CA GLN A 39 -0.89 -13.64 -4.21
C GLN A 39 0.02 -14.87 -4.25
N GLU A 40 0.92 -14.93 -5.23
CA GLU A 40 1.88 -16.02 -5.30
C GLU A 40 2.69 -16.16 -4.01
N ASP A 41 3.21 -15.04 -3.48
CA ASP A 41 3.93 -15.11 -2.21
C ASP A 41 2.99 -15.40 -1.06
N ALA A 42 1.74 -14.91 -1.13
CA ALA A 42 0.82 -15.13 -0.03
C ALA A 42 0.61 -16.62 0.20
N LEU A 43 0.45 -17.36 -0.88
CA LEU A 43 0.24 -18.79 -0.78
C LEU A 43 1.41 -19.53 -0.19
N GLN A 44 2.61 -19.19 -0.60
CA GLN A 44 3.81 -19.77 -0.03
C GLN A 44 3.92 -19.46 1.46
N MET A 45 3.53 -18.24 1.86
CA MET A 45 3.53 -17.90 3.29
C MET A 45 2.59 -18.81 4.06
N LEU A 46 1.47 -19.20 3.46
CA LEU A 46 0.56 -20.11 4.14
C LEU A 46 1.19 -21.49 4.23
N LEU A 47 1.90 -21.92 3.19
CA LEU A 47 2.48 -23.25 3.19
C LEU A 47 3.61 -23.38 4.20
N ASP A 48 4.45 -22.36 4.35
CA ASP A 48 5.55 -22.47 5.31
C ASP A 48 5.24 -21.89 6.69
N GLY A 49 3.98 -21.53 6.97
CA GLY A 49 3.58 -21.14 8.31
C GLY A 49 3.95 -19.74 8.74
N SER A 50 4.48 -18.89 7.85
CA SER A 50 4.74 -17.51 8.25
C SER A 50 3.47 -16.67 8.31
N ALA A 51 2.40 -17.08 7.63
CA ALA A 51 1.08 -16.52 7.84
C ALA A 51 0.10 -17.63 8.17
N GLN A 52 -0.85 -17.32 9.04
CA GLN A 52 -1.88 -18.28 9.39
C GLN A 52 -3.13 -18.15 8.53
N LEU A 53 -3.40 -16.96 7.98
CA LEU A 53 -4.53 -16.73 7.09
C LEU A 53 -4.14 -15.77 5.99
N ALA A 54 -4.85 -15.86 4.86
CA ALA A 54 -4.68 -14.96 3.73
C ALA A 54 -6.02 -14.51 3.20
N LEU A 55 -6.08 -13.26 2.75
CA LEU A 55 -7.19 -12.74 1.98
C LEU A 55 -6.73 -12.73 0.53
N MET A 56 -7.38 -13.53 -0.31
CA MET A 56 -6.98 -13.73 -1.70
C MET A 56 -8.18 -13.51 -2.61
N PHE A 57 -7.93 -13.39 -3.92
CA PHE A 57 -9.04 -13.22 -4.86
C PHE A 57 -9.08 -14.21 -6.01
N GLU A 58 -8.29 -15.29 -5.98
CA GLU A 58 -8.30 -16.26 -7.07
C GLU A 58 -8.05 -17.67 -6.59
N ARG A 59 -9.02 -18.53 -6.83
CA ARG A 59 -8.90 -19.96 -6.53
C ARG A 59 -8.14 -20.73 -7.60
N GLU A 60 -7.86 -20.12 -8.75
CA GLU A 60 -7.19 -20.84 -9.83
C GLU A 60 -5.89 -21.49 -9.35
N HIS A 61 -5.08 -20.76 -8.59
CA HIS A 61 -3.81 -21.28 -8.10
C HIS A 61 -3.98 -22.20 -6.90
N LEU A 62 -5.20 -22.41 -6.45
CA LEU A 62 -5.38 -23.24 -5.28
C LEU A 62 -5.47 -24.72 -5.49
N ASP A 63 -4.58 -25.40 -4.80
CA ASP A 63 -4.46 -26.81 -4.80
C ASP A 63 -5.35 -27.17 -3.72
N ASN A 64 -5.22 -28.39 -3.27
CA ASN A 64 -5.99 -28.83 -2.15
C ASN A 64 -5.21 -28.68 -0.88
N ARG A 65 -4.04 -28.07 -0.99
CA ARG A 65 -3.24 -27.75 0.15
C ARG A 65 -4.03 -26.67 0.88
N GLU A 66 -4.77 -25.89 0.11
CA GLU A 66 -5.57 -24.78 0.58
C GLU A 66 -7.00 -25.20 0.91
N GLN A 67 -7.55 -24.54 1.92
CA GLN A 67 -8.96 -24.55 2.23
C GLN A 67 -9.42 -23.10 2.29
N PHE A 68 -10.70 -22.85 2.08
CA PHE A 68 -11.13 -21.45 2.12
C PHE A 68 -12.60 -21.34 2.49
N VAL A 69 -13.00 -20.10 2.78
CA VAL A 69 -14.40 -19.73 2.92
C VAL A 69 -14.60 -18.40 2.23
N GLU A 70 -15.67 -18.30 1.47
CA GLU A 70 -16.02 -17.10 0.72
C GLU A 70 -16.29 -15.89 1.64
N LEU A 71 -15.75 -14.73 1.26
CA LEU A 71 -16.14 -13.48 1.92
C LEU A 71 -16.88 -12.59 0.93
N LYS A 72 -16.91 -11.28 1.18
CA LYS A 72 -17.70 -10.37 0.36
C LYS A 72 -17.06 -10.17 -1.02
N ARG A 73 -17.86 -9.63 -1.93
CA ARG A 73 -17.42 -9.23 -3.24
C ARG A 73 -17.04 -7.76 -3.18
N GLU A 74 -15.95 -7.38 -3.87
CA GLU A 74 -15.49 -5.99 -3.85
C GLU A 74 -15.59 -5.38 -5.24
N ALA A 75 -16.23 -4.23 -5.30
CA ALA A 75 -16.52 -3.55 -6.55
C ALA A 75 -15.40 -2.58 -6.90
N LEU A 76 -15.04 -2.56 -8.18
CA LEU A 76 -14.03 -1.65 -8.74
C LEU A 76 -14.66 -0.85 -9.89
N ILE A 77 -14.17 0.37 -10.09
CA ILE A 77 -14.72 1.28 -11.09
C ILE A 77 -13.62 1.90 -11.95
N PRO A 78 -13.81 1.96 -13.27
CA PRO A 78 -12.83 2.65 -14.16
C PRO A 78 -12.98 4.14 -13.99
N VAL A 79 -11.88 4.83 -13.70
CA VAL A 79 -11.92 6.26 -13.42
C VAL A 79 -10.81 6.99 -14.18
N ILE A 80 -10.98 8.30 -14.27
CA ILE A 80 -9.97 9.17 -14.85
C ILE A 80 -10.00 10.47 -14.06
N SER A 81 -8.86 11.15 -14.02
CA SER A 81 -8.83 12.48 -13.43
C SER A 81 -9.73 13.44 -14.18
N LYS A 82 -10.50 14.23 -13.41
CA LYS A 82 -11.39 15.23 -13.98
C LYS A 82 -10.65 16.35 -14.68
N THR A 83 -9.35 16.54 -14.40
CA THR A 83 -8.55 17.54 -15.11
C THR A 83 -7.75 16.95 -16.25
N HIS A 84 -8.02 15.69 -16.58
CA HIS A 84 -7.33 15.06 -17.73
C HIS A 84 -7.91 15.63 -19.02
N PRO A 85 -7.12 15.80 -20.10
CA PRO A 85 -7.62 16.30 -21.36
C PRO A 85 -8.91 15.59 -21.81
N LEU A 86 -9.00 14.28 -21.63
CA LEU A 86 -10.21 13.57 -22.03
C LEU A 86 -11.41 13.91 -21.15
N ALA A 87 -11.22 14.62 -20.04
CA ALA A 87 -12.31 14.80 -19.09
C ALA A 87 -13.19 16.00 -19.44
N SER A 88 -12.61 17.06 -20.02
CA SER A 88 -13.39 18.17 -20.55
C SER A 88 -14.48 17.64 -21.47
N GLN A 89 -14.09 16.80 -22.41
CA GLN A 89 -14.99 16.11 -23.30
C GLN A 89 -16.18 15.54 -22.53
N GLU A 90 -17.36 15.58 -23.14
CA GLU A 90 -18.53 15.06 -22.45
C GLU A 90 -18.37 13.57 -22.14
N HIS A 91 -17.78 12.81 -23.05
CA HIS A 91 -17.62 11.37 -22.89
C HIS A 91 -16.39 10.90 -23.66
N VAL A 92 -15.74 9.89 -23.12
CA VAL A 92 -14.54 9.31 -23.71
C VAL A 92 -14.95 8.20 -24.66
N SER A 93 -14.56 8.32 -25.94
CA SER A 93 -14.87 7.28 -26.90
C SER A 93 -13.99 6.06 -26.64
N TYR A 94 -14.41 4.92 -27.17
CA TYR A 94 -13.62 3.70 -27.01
C TYR A 94 -12.33 3.75 -27.82
N GLU A 95 -12.24 4.65 -28.80
CA GLU A 95 -10.97 4.85 -29.49
C GLU A 95 -10.00 5.62 -28.60
N GLN A 96 -10.52 6.61 -27.85
CA GLN A 96 -9.68 7.41 -26.98
C GLN A 96 -9.08 6.59 -25.84
N ILE A 97 -9.83 5.64 -25.31
CA ILE A 97 -9.26 4.78 -24.28
C ILE A 97 -8.24 3.86 -24.89
N LEU A 98 -8.51 3.38 -26.10
CA LEU A 98 -7.57 2.51 -26.77
C LEU A 98 -6.21 3.19 -26.91
N GLY A 99 -6.22 4.49 -27.16
CA GLY A 99 -5.01 5.27 -27.32
C GLY A 99 -4.47 5.99 -26.11
N THR A 100 -5.09 5.89 -24.93
CA THR A 100 -4.58 6.52 -23.71
C THR A 100 -3.92 5.49 -22.81
N ARG A 101 -2.98 5.96 -21.99
CA ARG A 101 -2.27 5.07 -21.05
C ARG A 101 -3.22 4.52 -19.99
N GLN A 102 -3.20 3.20 -19.81
CA GLN A 102 -3.91 2.55 -18.72
C GLN A 102 -2.96 2.22 -17.58
N ILE A 103 -3.32 2.58 -16.34
CA ILE A 103 -2.54 2.20 -15.17
C ILE A 103 -3.14 0.91 -14.62
N VAL A 104 -2.38 -0.17 -14.68
CA VAL A 104 -2.88 -1.49 -14.31
C VAL A 104 -2.21 -1.92 -13.02
N VAL A 105 -2.98 -2.58 -12.16
CA VAL A 105 -2.46 -3.19 -10.95
C VAL A 105 -2.32 -4.70 -11.17
N ALA A 106 -1.08 -5.20 -11.04
CA ALA A 106 -0.78 -6.62 -11.05
C ALA A 106 0.63 -6.87 -10.49
N SER A 107 0.80 -8.05 -9.87
CA SER A 107 2.04 -8.41 -9.18
C SER A 107 3.25 -8.50 -10.11
N ARG A 108 3.03 -8.77 -11.39
CA ARG A 108 4.09 -8.75 -12.40
C ARG A 108 3.42 -8.82 -13.76
N ASP A 109 4.21 -8.61 -14.81
CA ASP A 109 3.66 -8.72 -16.17
C ASP A 109 3.02 -10.08 -16.38
N GLU A 110 3.63 -11.12 -15.80
CA GLU A 110 3.14 -12.49 -15.96
C GLU A 110 1.71 -12.62 -15.45
N THR A 111 1.38 -11.92 -14.37
CA THR A 111 0.06 -12.03 -13.74
C THR A 111 -0.93 -11.00 -14.27
N LEU A 112 -0.53 -10.25 -15.30
CA LEU A 112 -1.45 -9.37 -16.03
C LEU A 112 -2.46 -10.20 -16.82
N LYS A 113 -3.73 -9.81 -16.70
CA LYS A 113 -4.84 -10.51 -17.39
C LYS A 113 -5.20 -9.68 -18.62
N PRO A 114 -4.97 -10.20 -19.83
CA PRO A 114 -5.21 -9.48 -21.08
C PRO A 114 -6.65 -9.01 -21.28
N GLU A 115 -7.63 -9.78 -20.83
CA GLU A 115 -9.04 -9.36 -21.02
C GLU A 115 -9.33 -8.08 -20.24
N LEU A 116 -8.46 -7.68 -19.33
CA LEU A 116 -8.67 -6.47 -18.53
C LEU A 116 -7.81 -5.30 -18.98
N LEU A 117 -6.99 -5.48 -20.01
CA LEU A 117 -6.26 -4.37 -20.62
C LEU A 117 -7.07 -3.83 -21.79
N PHE A 118 -7.44 -2.55 -21.71
CA PHE A 118 -8.26 -1.93 -22.74
C PHE A 118 -7.49 -0.91 -23.57
N SER A 119 -6.24 -0.64 -23.22
CA SER A 119 -5.42 0.34 -23.91
C SER A 119 -4.20 -0.33 -24.53
N LYS A 120 -3.69 0.28 -25.60
CA LYS A 120 -2.52 -0.26 -26.29
C LYS A 120 -1.27 -0.08 -25.46
N HIS A 121 -1.22 0.97 -24.65
CA HIS A 121 -0.11 1.24 -23.75
C HIS A 121 -0.58 1.22 -22.30
N TYR A 122 0.24 0.65 -21.43
CA TYR A 122 -0.08 0.61 -20.01
C TYR A 122 1.19 0.66 -19.19
N TRP A 123 1.05 1.16 -17.96
CA TRP A 123 2.07 1.03 -16.91
C TRP A 123 1.53 0.08 -15.84
N ARG A 124 2.41 -0.73 -15.27
CA ARG A 124 2.02 -1.66 -14.23
C ARG A 124 2.56 -1.19 -12.88
N THR A 125 1.71 -1.28 -11.88
CA THR A 125 2.12 -1.11 -10.49
C THR A 125 1.47 -2.22 -9.68
N ASP A 126 1.89 -2.37 -8.44
CA ASP A 126 1.44 -3.52 -7.65
C ASP A 126 0.46 -3.17 -6.56
N ASN A 127 -0.09 -1.95 -6.52
CA ASN A 127 -1.10 -1.63 -5.53
C ASN A 127 -1.91 -0.42 -5.96
N HIS A 128 -3.11 -0.30 -5.39
CA HIS A 128 -4.08 0.66 -5.90
C HIS A 128 -3.79 2.09 -5.45
N HIS A 129 -3.06 2.25 -4.33
CA HIS A 129 -2.65 3.60 -3.92
C HIS A 129 -1.67 4.20 -4.92
N SER A 130 -0.65 3.44 -5.33
CA SER A 130 0.25 3.92 -6.38
C SER A 130 -0.50 4.22 -7.67
N ALA A 131 -1.38 3.31 -8.08
CA ALA A 131 -2.15 3.57 -9.28
C ALA A 131 -2.95 4.86 -9.13
N CYS A 132 -3.60 5.01 -7.98
CA CYS A 132 -4.45 6.18 -7.76
C CYS A 132 -3.64 7.47 -7.83
N LEU A 133 -2.45 7.47 -7.22
CA LEU A 133 -1.64 8.70 -7.24
C LEU A 133 -1.28 9.09 -8.67
N MET A 134 -1.01 8.11 -9.53
CA MET A 134 -0.58 8.46 -10.88
C MET A 134 -1.76 8.92 -11.73
N ILE A 135 -2.90 8.25 -11.61
CA ILE A 135 -4.13 8.71 -12.26
C ILE A 135 -4.39 10.16 -11.87
N LEU A 136 -4.24 10.48 -10.56
CA LEU A 136 -4.47 11.83 -10.07
C LEU A 136 -3.54 12.86 -10.73
N ARG A 137 -2.36 12.44 -11.14
CA ARG A 137 -1.41 13.32 -11.84
C ARG A 137 -1.68 13.39 -13.34
N ASN A 138 -2.78 12.79 -13.82
CA ASN A 138 -3.17 12.75 -15.24
C ASN A 138 -2.28 11.85 -16.07
N LEU A 139 -1.57 10.91 -15.48
CA LEU A 139 -0.70 10.05 -16.26
C LEU A 139 -1.45 8.94 -16.96
N GLY A 140 -2.74 8.78 -16.70
CA GLY A 140 -3.52 7.72 -17.32
C GLY A 140 -4.86 7.57 -16.63
N TRP A 141 -5.54 6.47 -16.95
CA TRP A 141 -6.80 6.07 -16.35
C TRP A 141 -6.65 4.65 -15.81
N GLY A 142 -7.51 4.27 -14.89
CA GLY A 142 -7.41 2.90 -14.42
C GLY A 142 -8.56 2.53 -13.51
N VAL A 143 -8.52 1.29 -13.06
CA VAL A 143 -9.58 0.67 -12.26
C VAL A 143 -9.17 0.68 -10.80
N LEU A 144 -9.99 1.34 -9.95
CA LEU A 144 -9.79 1.51 -8.52
C LEU A 144 -10.95 0.92 -7.73
N PRO A 145 -10.68 0.43 -6.52
CA PRO A 145 -11.79 -0.04 -5.66
C PRO A 145 -12.72 1.09 -5.27
N GLN A 146 -14.04 0.80 -5.32
CA GLN A 146 -15.02 1.77 -4.84
C GLN A 146 -14.73 2.17 -3.40
N GLU A 147 -14.19 1.24 -2.62
CA GLU A 147 -13.90 1.51 -1.21
C GLU A 147 -12.97 2.70 -1.05
N MET A 148 -12.04 2.90 -2.00
CA MET A 148 -11.17 4.05 -1.92
C MET A 148 -11.96 5.34 -1.85
N PHE A 149 -13.09 5.39 -2.56
CA PHE A 149 -13.95 6.58 -2.53
C PHE A 149 -14.63 6.74 -1.18
N LYS A 150 -14.94 5.64 -0.50
CA LYS A 150 -15.43 5.74 0.88
C LYS A 150 -14.32 6.23 1.80
N GLU A 151 -13.12 5.68 1.67
CA GLU A 151 -12.01 6.08 2.54
C GLU A 151 -11.64 7.55 2.35
N ASN A 152 -11.82 8.10 1.15
CA ASN A 152 -11.39 9.46 0.84
C ASN A 152 -12.46 10.14 0.00
N PRO A 153 -13.42 10.81 0.64
CA PRO A 153 -14.51 11.45 -0.11
C PRO A 153 -14.06 12.57 -1.04
N GLU A 154 -12.83 13.08 -0.90
CA GLU A 154 -12.36 14.10 -1.83
C GLU A 154 -12.10 13.53 -3.23
N LEU A 155 -11.97 12.21 -3.33
CA LEU A 155 -11.67 11.58 -4.61
C LEU A 155 -12.79 11.78 -5.61
N ASN A 156 -14.05 11.87 -5.13
CA ASN A 156 -15.16 12.21 -6.03
C ASN A 156 -14.94 13.56 -6.68
N ASN A 157 -14.36 14.50 -5.92
CA ASN A 157 -14.07 15.82 -6.47
C ASN A 157 -12.99 15.76 -7.54
N LYS A 158 -12.09 14.77 -7.45
CA LYS A 158 -10.92 14.74 -8.31
C LYS A 158 -10.98 13.65 -9.38
N LEU A 159 -11.79 12.61 -9.18
CA LEU A 159 -11.90 11.50 -10.13
C LEU A 159 -13.32 11.39 -10.63
N LYS A 160 -13.45 10.80 -11.81
CA LYS A 160 -14.72 10.67 -12.52
C LYS A 160 -14.80 9.27 -13.11
N ALA A 161 -15.94 8.62 -12.94
CA ALA A 161 -16.13 7.31 -13.54
C ALA A 161 -16.21 7.43 -15.06
N LEU A 162 -15.81 6.36 -15.74
CA LEU A 162 -15.78 6.32 -17.20
C LEU A 162 -17.04 5.65 -17.73
N ASP A 163 -18.01 6.47 -18.17
CA ASP A 163 -19.31 5.97 -18.66
C ASP A 163 -19.15 4.98 -19.80
N VAL A 164 -18.09 5.11 -20.59
CA VAL A 164 -17.94 4.25 -21.74
C VAL A 164 -17.89 2.78 -21.33
N PHE A 165 -17.68 2.48 -20.05
CA PHE A 165 -17.66 1.08 -19.62
C PHE A 165 -19.02 0.57 -19.15
N ASP A 166 -20.08 1.37 -19.28
CA ASP A 166 -21.39 1.00 -18.73
C ASP A 166 -22.01 -0.23 -19.41
N PHE A 167 -21.64 -0.52 -20.66
CA PHE A 167 -22.18 -1.69 -21.33
C PHE A 167 -21.19 -2.85 -21.35
N THR A 168 -20.23 -2.84 -20.43
CA THR A 168 -19.15 -3.81 -20.29
C THR A 168 -19.27 -4.46 -18.92
N PRO A 169 -18.92 -5.75 -18.78
CA PRO A 169 -19.05 -6.43 -17.49
C PRO A 169 -18.29 -5.71 -16.38
N ARG A 170 -18.97 -5.56 -15.24
CA ARG A 170 -18.40 -4.86 -14.09
C ARG A 170 -17.05 -5.43 -13.65
N PHE A 171 -16.22 -4.57 -13.09
CA PHE A 171 -14.93 -4.97 -12.56
C PHE A 171 -15.10 -5.31 -11.08
N GLU A 172 -14.55 -6.44 -10.66
CA GLU A 172 -14.78 -6.86 -9.28
C GLU A 172 -13.71 -7.85 -8.86
N TYR A 173 -13.60 -8.03 -7.55
CA TYR A 173 -12.86 -9.14 -6.94
C TYR A 173 -13.84 -9.96 -6.12
N TYR A 174 -13.70 -11.28 -6.18
CA TYR A 174 -14.32 -12.20 -5.23
C TYR A 174 -13.25 -12.60 -4.23
N VAL A 175 -13.50 -12.29 -2.95
CA VAL A 175 -12.50 -12.41 -1.88
C VAL A 175 -12.76 -13.69 -1.09
N ASP A 176 -11.73 -14.51 -0.92
CA ASP A 176 -11.79 -15.65 -0.02
C ASP A 176 -10.80 -15.48 1.13
N LEU A 177 -11.19 -16.05 2.28
CA LEU A 177 -10.30 -16.29 3.41
C LEU A 177 -9.69 -17.67 3.23
N VAL A 178 -8.37 -17.74 3.05
CA VAL A 178 -7.65 -18.95 2.71
C VAL A 178 -6.71 -19.35 3.85
N TRP A 179 -6.59 -20.66 4.06
CA TRP A 179 -5.60 -21.20 4.99
C TRP A 179 -5.00 -22.48 4.41
N SER A 180 -3.96 -22.97 5.08
CA SER A 180 -3.31 -24.20 4.69
C SER A 180 -4.03 -25.37 5.33
N ARG A 181 -4.43 -26.35 4.51
CA ARG A 181 -5.07 -27.54 5.05
C ARG A 181 -4.17 -28.27 6.04
N GLU A 182 -2.88 -28.37 5.72
CA GLU A 182 -1.92 -29.08 6.55
C GLU A 182 -1.61 -28.37 7.85
N SER A 183 -2.03 -27.12 8.01
CA SER A 183 -1.63 -26.39 9.20
C SER A 183 -2.49 -26.78 10.40
N GLU A 184 -2.00 -26.48 11.58
CA GLU A 184 -2.78 -26.76 12.75
C GLU A 184 -3.28 -25.39 13.04
N LEU A 185 -4.58 -25.20 12.93
CA LEU A 185 -5.14 -23.87 13.15
C LEU A 185 -5.16 -23.51 14.58
N GLY A 186 -4.74 -22.28 14.85
CA GLY A 186 -4.71 -21.70 16.16
C GLY A 186 -6.11 -21.30 16.55
N ALA A 187 -6.31 -20.98 17.80
CA ALA A 187 -7.62 -20.62 18.27
C ALA A 187 -8.22 -19.39 17.62
N ALA A 188 -7.42 -18.38 17.40
CA ALA A 188 -7.95 -17.17 16.78
C ALA A 188 -8.37 -17.43 15.34
N ALA A 189 -7.52 -18.12 14.58
CA ALA A 189 -7.89 -18.48 13.22
C ALA A 189 -9.15 -19.31 13.18
N ARG A 190 -9.29 -20.27 14.09
CA ARG A 190 -10.47 -21.12 14.10
C ARG A 190 -11.70 -20.30 14.48
N PHE A 191 -11.55 -19.37 15.42
CA PHE A 191 -12.65 -18.50 15.80
C PHE A 191 -13.18 -17.73 14.59
N LEU A 192 -12.27 -17.16 13.81
CA LEU A 192 -12.69 -16.32 12.69
C LEU A 192 -13.36 -17.16 11.61
N ILE A 193 -12.75 -18.31 11.25
CA ILE A 193 -13.34 -19.21 10.26
C ILE A 193 -14.71 -19.69 10.71
N ASP A 194 -14.83 -20.11 11.98
CA ASP A 194 -16.12 -20.57 12.48
C ASP A 194 -17.14 -19.44 12.46
N TYR A 195 -16.72 -18.23 12.84
CA TYR A 195 -17.60 -17.08 12.83
C TYR A 195 -18.18 -16.82 11.44
N ILE A 196 -17.31 -16.79 10.43
CA ILE A 196 -17.77 -16.48 9.08
C ILE A 196 -18.69 -17.59 8.57
N ARG A 197 -18.32 -18.85 8.79
CA ARG A 197 -19.18 -19.94 8.35
C ARG A 197 -20.54 -19.92 9.06
N ASN A 198 -20.55 -19.70 10.37
CA ASN A 198 -21.79 -19.74 11.14
C ASN A 198 -22.69 -18.54 10.84
N LYS A 199 -22.13 -17.44 10.34
CA LYS A 199 -22.98 -16.27 10.12
C LYS A 199 -23.70 -16.34 8.77
N ARG A 200 -23.30 -17.27 7.91
CA ARG A 200 -24.01 -17.45 6.66
C ARG A 200 -25.40 -18.03 6.92
N MET A 201 -26.41 -17.42 6.30
CA MET A 201 -27.76 -17.93 6.36
C MET A 201 -27.91 -19.14 5.44
N GLN A 202 -28.53 -20.20 5.95
CA GLN A 202 -28.74 -21.35 5.12
C GLN A 202 -30.21 -21.50 4.75
N PRO A 203 -30.51 -22.05 3.58
CA PRO A 203 -31.91 -22.36 3.22
C PRO A 203 -32.60 -23.19 4.28
N ALA A 204 -33.91 -22.98 4.44
CA ALA A 204 -34.65 -23.83 5.35
C ALA A 204 -34.52 -25.28 4.90
N PRO A 205 -34.54 -26.24 5.82
CA PRO A 205 -34.37 -27.65 5.42
C PRO A 205 -35.38 -28.14 4.37
N PRO B 1 14.30 -0.57 -21.97
CA PRO B 1 13.09 -0.25 -22.76
C PRO B 1 11.91 0.07 -21.84
N ASN B 2 12.07 -0.34 -20.60
CA ASN B 2 11.15 -0.02 -19.53
C ASN B 2 11.99 0.36 -18.32
N LEU B 3 11.35 1.05 -17.38
CA LEU B 3 12.02 1.45 -16.16
C LEU B 3 11.18 0.99 -14.99
N THR B 4 11.76 0.14 -14.14
CA THR B 4 11.14 -0.30 -12.90
C THR B 4 11.76 0.47 -11.73
N ILE B 5 10.94 1.21 -11.01
CA ILE B 5 11.36 1.89 -9.78
C ILE B 5 10.69 1.18 -8.60
N VAL B 6 11.47 0.74 -7.63
CA VAL B 6 10.90 0.18 -6.41
C VAL B 6 10.87 1.23 -5.31
N VAL B 7 9.67 1.47 -4.77
CA VAL B 7 9.46 2.35 -3.63
C VAL B 7 9.36 1.44 -2.42
N VAL B 8 10.25 1.58 -1.43
CA VAL B 8 10.14 0.70 -0.29
C VAL B 8 8.82 0.98 0.43
N SER B 9 8.31 -0.04 1.12
CA SER B 9 6.95 0.03 1.66
C SER B 9 6.74 1.31 2.47
N GLU B 10 7.68 1.63 3.37
CA GLU B 10 7.55 2.78 4.28
C GLU B 10 7.41 4.11 3.55
N LEU B 11 7.77 4.19 2.25
CA LEU B 11 7.79 5.47 1.56
C LEU B 11 6.69 5.60 0.54
N LEU B 12 5.73 4.66 0.52
CA LEU B 12 4.66 4.72 -0.47
C LEU B 12 3.88 6.03 -0.43
N HIS B 13 3.95 6.77 0.68
CA HIS B 13 3.17 8.00 0.84
C HIS B 13 4.10 9.21 0.94
N THR B 14 4.82 9.45 -0.16
CA THR B 14 5.77 10.55 -0.31
C THR B 14 5.61 11.08 -1.72
N ASN B 15 6.37 12.13 -2.06
CA ASN B 15 6.15 12.84 -3.32
C ASN B 15 6.83 12.19 -4.53
N TRP B 16 6.90 10.86 -4.54
CA TRP B 16 7.63 10.16 -5.59
C TRP B 16 6.97 10.34 -6.94
N THR B 17 5.75 10.84 -6.95
CA THR B 17 5.03 11.01 -8.20
C THR B 17 5.63 12.16 -9.03
N ASP B 18 6.28 13.12 -8.37
CA ASP B 18 7.01 14.16 -9.07
C ASP B 18 8.10 13.58 -9.96
N TYR B 19 8.86 12.62 -9.45
CA TYR B 19 9.93 12.02 -10.24
C TYR B 19 9.36 11.26 -11.44
N VAL B 20 8.21 10.62 -11.26
CA VAL B 20 7.56 9.90 -12.36
C VAL B 20 7.08 10.86 -13.44
N CYS B 21 6.56 12.02 -13.03
CA CYS B 21 6.09 12.98 -14.02
C CYS B 21 7.25 13.51 -14.85
N LEU B 22 8.37 13.81 -14.18
CA LEU B 22 9.56 14.25 -14.91
C LEU B 22 9.98 13.22 -15.94
N LEU B 23 10.08 11.96 -15.51
CA LEU B 23 10.45 10.90 -16.43
C LEU B 23 9.49 10.83 -17.62
N GLU B 24 8.18 10.90 -17.37
CA GLU B 24 7.24 10.65 -18.46
C GLU B 24 7.17 11.82 -19.45
N SER B 25 7.38 13.05 -18.98
CA SER B 25 7.38 14.18 -19.91
C SER B 25 8.59 14.12 -20.84
N ARG B 26 9.70 13.58 -20.33
CA ARG B 26 10.93 13.50 -21.11
C ARG B 26 10.97 12.25 -21.98
N PHE B 27 10.33 11.15 -21.55
CA PHE B 27 10.29 9.92 -22.34
C PHE B 27 8.84 9.49 -22.52
N PRO B 28 8.12 10.12 -23.47
CA PRO B 28 6.67 9.86 -23.59
C PRO B 28 6.31 8.40 -23.93
N ASP B 29 7.26 7.58 -24.37
CA ASP B 29 6.98 6.20 -24.72
C ASP B 29 7.52 5.21 -23.71
N LEU B 30 8.12 5.68 -22.63
CA LEU B 30 8.78 4.79 -21.68
C LEU B 30 7.73 4.12 -20.81
N GLN B 31 7.85 2.81 -20.64
CA GLN B 31 6.99 2.13 -19.67
C GLN B 31 7.63 2.24 -18.30
N ILE B 32 6.95 2.92 -17.38
CA ILE B 32 7.45 3.11 -16.02
C ILE B 32 6.61 2.24 -15.11
N ASN B 33 7.25 1.28 -14.45
CA ASN B 33 6.62 0.36 -13.50
C ASN B 33 7.03 0.74 -12.08
N ILE B 34 6.06 1.16 -11.28
CA ILE B 34 6.26 1.55 -9.89
C ILE B 34 5.88 0.36 -9.04
N VAL B 35 6.86 -0.31 -8.44
CA VAL B 35 6.56 -1.42 -7.56
C VAL B 35 7.01 -1.03 -6.16
N SER B 36 6.61 -1.85 -5.19
CA SER B 36 6.92 -1.61 -3.80
C SER B 36 7.38 -2.92 -3.19
N ALA B 37 8.20 -2.81 -2.14
CA ALA B 37 8.83 -3.98 -1.55
C ALA B 37 9.43 -3.58 -0.22
N PRO B 38 9.72 -4.55 0.66
CA PRO B 38 10.50 -4.25 1.86
C PRO B 38 11.88 -3.72 1.49
N GLN B 39 12.42 -2.84 2.35
CA GLN B 39 13.70 -2.23 2.04
C GLN B 39 14.78 -3.29 1.78
N GLU B 40 14.78 -4.39 2.54
CA GLU B 40 15.76 -5.44 2.29
C GLU B 40 15.60 -6.06 0.91
N ASP B 41 14.35 -6.33 0.49
CA ASP B 41 14.11 -6.89 -0.84
C ASP B 41 14.46 -5.89 -1.94
N ALA B 42 14.26 -4.59 -1.67
CA ALA B 42 14.50 -3.58 -2.70
C ALA B 42 15.98 -3.51 -3.07
N LEU B 43 16.87 -3.59 -2.08
CA LEU B 43 18.29 -3.61 -2.39
C LEU B 43 18.63 -4.82 -3.25
N GLN B 44 18.06 -5.98 -2.91
CA GLN B 44 18.27 -7.18 -3.70
C GLN B 44 17.80 -6.98 -5.14
N MET B 45 16.72 -6.24 -5.35
CA MET B 45 16.21 -6.01 -6.69
C MET B 45 17.17 -5.17 -7.51
N LEU B 46 17.80 -4.18 -6.88
CA LEU B 46 18.82 -3.37 -7.55
C LEU B 46 19.98 -4.24 -8.00
N LEU B 47 20.42 -5.15 -7.12
CA LEU B 47 21.52 -6.05 -7.47
C LEU B 47 21.13 -7.06 -8.55
N ASP B 48 19.88 -7.55 -8.50
CA ASP B 48 19.39 -8.50 -9.48
C ASP B 48 19.22 -7.93 -10.87
N GLY B 49 19.02 -6.62 -11.00
CA GLY B 49 18.47 -6.06 -12.21
C GLY B 49 16.95 -6.05 -12.27
N SER B 50 16.26 -6.52 -11.23
CA SER B 50 14.81 -6.41 -11.16
C SER B 50 14.34 -4.97 -11.29
N ALA B 51 15.07 -4.05 -10.66
CA ALA B 51 14.75 -2.64 -10.65
C ALA B 51 16.01 -1.87 -10.98
N GLN B 52 15.83 -0.71 -11.61
CA GLN B 52 16.97 0.12 -11.93
C GLN B 52 17.23 1.16 -10.85
N LEU B 53 16.18 1.59 -10.16
CA LEU B 53 16.23 2.62 -9.14
C LEU B 53 15.33 2.24 -7.98
N ALA B 54 15.71 2.68 -6.79
CA ALA B 54 14.92 2.44 -5.58
C ALA B 54 14.84 3.74 -4.80
N LEU B 55 13.67 3.97 -4.19
CA LEU B 55 13.48 5.03 -3.22
C LEU B 55 13.55 4.37 -1.86
N MET B 56 14.57 4.72 -1.08
CA MET B 56 14.85 4.03 0.17
C MET B 56 15.02 5.06 1.28
N PHE B 57 14.84 4.60 2.53
CA PHE B 57 15.21 5.40 3.69
C PHE B 57 16.55 4.88 4.24
N GLU B 58 16.95 5.39 5.40
CA GLU B 58 18.24 5.02 6.06
C GLU B 58 18.49 3.51 6.11
N ARG B 59 19.47 3.04 5.34
CA ARG B 59 19.89 1.61 5.31
C ARG B 59 20.58 1.29 6.62
N GLU B 60 20.33 0.10 7.16
CA GLU B 60 20.93 -0.31 8.46
C GLU B 60 22.36 -0.81 8.21
N HIS B 61 22.54 -1.66 7.19
CA HIS B 61 23.80 -2.28 6.86
C HIS B 61 24.21 -1.77 5.50
N LEU B 62 25.19 -0.89 5.47
CA LEU B 62 25.63 -0.31 4.22
C LEU B 62 26.39 -1.28 3.33
N ASP B 63 26.16 -1.15 2.04
CA ASP B 63 26.85 -1.98 1.05
C ASP B 63 27.64 -1.09 0.10
N ASN B 64 28.85 -1.53 -0.24
CA ASN B 64 29.69 -0.75 -1.15
C ASN B 64 29.20 -0.80 -2.59
N ARG B 65 28.29 -1.73 -2.93
CA ARG B 65 27.77 -1.80 -4.28
C ARG B 65 26.66 -0.78 -4.53
N GLU B 66 26.10 -0.23 -3.48
CA GLU B 66 25.08 0.78 -3.66
C GLU B 66 25.71 2.15 -3.87
N GLN B 67 24.95 3.01 -4.52
CA GLN B 67 25.27 4.41 -4.70
C GLN B 67 23.97 5.17 -4.58
N PHE B 68 24.03 6.43 -4.15
CA PHE B 68 22.79 7.17 -3.94
C PHE B 68 22.98 8.67 -4.14
N VAL B 69 21.84 9.36 -4.21
CA VAL B 69 21.75 10.81 -4.09
C VAL B 69 20.55 11.12 -3.19
N GLU B 70 20.73 12.11 -2.29
CA GLU B 70 19.70 12.45 -1.32
C GLU B 70 18.53 13.19 -1.96
N LEU B 71 17.33 12.89 -1.48
CA LEU B 71 16.12 13.61 -1.85
C LEU B 71 15.50 14.23 -0.60
N LYS B 72 14.19 14.49 -0.64
CA LYS B 72 13.47 15.09 0.46
C LYS B 72 13.66 14.36 1.79
N ARG B 73 13.30 15.06 2.87
CA ARG B 73 12.97 14.45 4.15
C ARG B 73 11.46 14.32 4.20
N GLU B 74 10.96 13.22 4.75
CA GLU B 74 9.53 13.04 4.92
C GLU B 74 9.17 13.00 6.39
N ALA B 75 8.31 13.92 6.80
CA ALA B 75 7.91 14.06 8.18
C ALA B 75 6.80 13.06 8.54
N LEU B 76 6.88 12.50 9.74
CA LEU B 76 5.89 11.61 10.31
C LEU B 76 5.28 12.26 11.56
N ILE B 77 4.02 11.94 11.83
CA ILE B 77 3.24 12.54 12.92
C ILE B 77 2.66 11.43 13.78
N PRO B 78 2.84 11.46 15.10
CA PRO B 78 2.12 10.50 15.96
C PRO B 78 0.68 10.95 16.14
N VAL B 79 -0.28 10.05 15.83
CA VAL B 79 -1.68 10.41 15.79
C VAL B 79 -2.54 9.35 16.49
N ILE B 80 -3.77 9.75 16.85
CA ILE B 80 -4.78 8.86 17.40
C ILE B 80 -6.12 9.30 16.82
N SER B 81 -7.03 8.35 16.71
CA SER B 81 -8.39 8.65 16.27
C SER B 81 -9.05 9.64 17.22
N LYS B 82 -9.83 10.56 16.66
CA LYS B 82 -10.58 11.51 17.48
C LYS B 82 -11.67 10.83 18.30
N THR B 83 -12.06 9.60 17.94
CA THR B 83 -13.12 8.84 18.59
C THR B 83 -12.56 7.81 19.59
N HIS B 84 -11.24 7.67 19.66
CA HIS B 84 -10.64 6.80 20.65
C HIS B 84 -10.94 7.34 22.05
N PRO B 85 -11.14 6.46 23.03
CA PRO B 85 -11.39 6.95 24.40
C PRO B 85 -10.42 8.01 24.88
N LEU B 86 -9.12 7.87 24.56
CA LEU B 86 -8.12 8.81 25.05
C LEU B 86 -8.29 10.19 24.43
N ALA B 87 -8.95 10.28 23.27
CA ALA B 87 -9.00 11.54 22.55
C ALA B 87 -9.90 12.58 23.23
N SER B 88 -10.88 12.12 24.01
CA SER B 88 -11.75 13.04 24.75
C SER B 88 -10.95 13.98 25.63
N GLN B 89 -9.93 13.46 26.30
CA GLN B 89 -9.09 14.25 27.17
C GLN B 89 -8.41 15.39 26.39
N GLU B 90 -8.02 16.43 27.12
CA GLU B 90 -7.21 17.48 26.52
C GLU B 90 -5.86 16.92 26.09
N HIS B 91 -5.21 16.18 26.97
CA HIS B 91 -3.88 15.63 26.73
C HIS B 91 -3.88 14.16 27.10
N VAL B 92 -3.09 13.38 26.37
CA VAL B 92 -2.84 11.99 26.71
C VAL B 92 -1.54 11.93 27.52
N SER B 93 -1.57 11.25 28.66
CA SER B 93 -0.39 11.19 29.49
C SER B 93 0.60 10.15 28.99
N TYR B 94 1.85 10.29 29.44
CA TYR B 94 2.87 9.32 29.09
C TYR B 94 2.44 7.93 29.50
N GLU B 95 1.87 7.79 30.70
CA GLU B 95 1.41 6.48 31.16
C GLU B 95 0.41 5.89 30.20
N GLN B 96 -0.55 6.69 29.75
CA GLN B 96 -1.59 6.20 28.85
C GLN B 96 -1.00 5.75 27.51
N ILE B 97 -0.10 6.54 26.93
CA ILE B 97 0.60 6.08 25.72
C ILE B 97 1.23 4.72 25.98
N LEU B 98 1.97 4.60 27.09
CA LEU B 98 2.63 3.35 27.45
C LEU B 98 1.66 2.19 27.50
N GLY B 99 0.44 2.43 27.96
CA GLY B 99 -0.52 1.35 28.10
C GLY B 99 -1.47 1.14 26.96
N THR B 100 -1.34 1.88 25.85
CA THR B 100 -2.21 1.68 24.70
C THR B 100 -1.41 1.10 23.56
N ARG B 101 -2.06 0.24 22.80
CA ARG B 101 -1.41 -0.42 21.68
C ARG B 101 -0.89 0.58 20.66
N GLN B 102 0.36 0.40 20.23
CA GLN B 102 0.94 1.17 19.13
C GLN B 102 0.88 0.35 17.84
N ILE B 103 0.47 0.99 16.75
CA ILE B 103 0.49 0.37 15.43
C ILE B 103 1.77 0.83 14.75
N VAL B 104 2.69 -0.09 14.52
CA VAL B 104 4.01 0.22 13.99
C VAL B 104 4.17 -0.40 12.61
N VAL B 105 4.90 0.31 11.75
CA VAL B 105 5.21 -0.13 10.39
C VAL B 105 6.67 -0.59 10.33
N ALA B 106 6.88 -1.82 9.87
CA ALA B 106 8.20 -2.40 9.62
C ALA B 106 8.02 -3.70 8.83
N SER B 107 9.04 -4.05 8.05
CA SER B 107 8.98 -5.23 7.20
C SER B 107 8.95 -6.53 8.00
N ARG B 108 9.35 -6.50 9.27
CA ARG B 108 9.27 -7.66 10.15
C ARG B 108 9.74 -7.27 11.54
N ASP B 109 9.69 -8.22 12.48
CA ASP B 109 9.98 -7.90 13.87
C ASP B 109 11.40 -7.38 14.05
N GLU B 110 12.34 -7.92 13.27
CA GLU B 110 13.75 -7.60 13.48
C GLU B 110 14.09 -6.20 12.98
N THR B 111 13.39 -5.71 11.97
CA THR B 111 13.68 -4.39 11.41
C THR B 111 12.88 -3.29 12.10
N LEU B 112 12.17 -3.63 13.18
CA LEU B 112 11.56 -2.63 14.05
C LEU B 112 12.64 -1.80 14.73
N LYS B 113 12.44 -0.50 14.80
CA LYS B 113 13.42 0.36 15.45
C LYS B 113 13.03 0.56 16.90
N PRO B 114 13.73 -0.07 17.85
CA PRO B 114 13.27 -0.04 19.24
C PRO B 114 13.22 1.36 19.82
N GLU B 115 13.93 2.31 19.20
CA GLU B 115 13.87 3.71 19.64
C GLU B 115 12.52 4.35 19.34
N LEU B 116 11.70 3.73 18.48
CA LEU B 116 10.42 4.28 18.06
C LEU B 116 9.22 3.55 18.64
N LEU B 117 9.44 2.56 19.51
CA LEU B 117 8.35 1.89 20.20
C LEU B 117 8.14 2.59 21.53
N PHE B 118 6.99 3.24 21.68
CA PHE B 118 6.71 3.93 22.93
C PHE B 118 5.67 3.21 23.78
N SER B 119 5.17 2.05 23.34
CA SER B 119 4.13 1.35 24.08
C SER B 119 4.58 -0.07 24.41
N LYS B 120 4.07 -0.59 25.54
CA LYS B 120 4.42 -1.95 25.95
C LYS B 120 3.98 -2.97 24.92
N HIS B 121 2.80 -2.77 24.33
CA HIS B 121 2.26 -3.67 23.33
C HIS B 121 2.11 -2.95 22.00
N TYR B 122 2.40 -3.65 20.92
CA TYR B 122 2.24 -3.10 19.59
C TYR B 122 1.80 -4.19 18.60
N TRP B 123 1.21 -3.75 17.49
CA TRP B 123 1.00 -4.61 16.33
C TRP B 123 1.88 -4.11 15.19
N ARG B 124 2.41 -5.02 14.42
CA ARG B 124 3.22 -4.67 13.28
C ARG B 124 2.39 -4.81 12.02
N THR B 125 2.51 -3.82 11.14
CA THR B 125 2.04 -3.94 9.78
C THR B 125 3.17 -3.47 8.88
N ASP B 126 3.01 -3.68 7.58
CA ASP B 126 4.11 -3.38 6.68
C ASP B 126 3.88 -2.13 5.83
N ASN B 127 2.77 -1.41 6.05
CA ASN B 127 2.59 -0.18 5.29
C ASN B 127 1.63 0.75 6.03
N HIS B 128 1.71 2.03 5.68
CA HIS B 128 1.01 3.07 6.46
C HIS B 128 -0.48 3.11 6.18
N HIS B 129 -0.91 2.69 4.98
CA HIS B 129 -2.34 2.58 4.73
C HIS B 129 -2.98 1.61 5.70
N SER B 130 -2.41 0.41 5.84
CA SER B 130 -2.92 -0.56 6.79
C SER B 130 -2.89 -0.03 8.21
N ALA B 131 -1.77 0.61 8.61
CA ALA B 131 -1.70 1.21 9.93
C ALA B 131 -2.81 2.23 10.12
N CYS B 132 -2.98 3.13 9.14
CA CYS B 132 -4.02 4.15 9.23
C CYS B 132 -5.40 3.53 9.42
N LEU B 133 -5.75 2.52 8.61
CA LEU B 133 -7.07 1.94 8.73
C LEU B 133 -7.34 1.46 10.14
N MET B 134 -6.36 0.80 10.77
CA MET B 134 -6.59 0.25 12.10
C MET B 134 -6.67 1.35 13.16
N ILE B 135 -5.86 2.41 13.01
CA ILE B 135 -5.93 3.55 13.93
C ILE B 135 -7.31 4.18 13.85
N LEU B 136 -7.87 4.25 12.62
CA LEU B 136 -9.21 4.78 12.42
C LEU B 136 -10.29 3.89 13.05
N ARG B 137 -9.99 2.62 13.33
CA ARG B 137 -10.91 1.72 14.03
C ARG B 137 -10.69 1.74 15.53
N ASN B 138 -9.89 2.68 16.03
CA ASN B 138 -9.53 2.80 17.44
C ASN B 138 -8.75 1.60 17.97
N LEU B 139 -8.07 0.86 17.11
CA LEU B 139 -7.28 -0.26 17.61
C LEU B 139 -5.93 0.15 18.16
N GLY B 140 -5.58 1.43 18.12
CA GLY B 140 -4.31 1.89 18.66
C GLY B 140 -3.97 3.25 18.11
N TRP B 141 -2.78 3.73 18.48
CA TRP B 141 -2.21 4.97 17.96
C TRP B 141 -0.98 4.63 17.12
N GLY B 142 -0.46 5.61 16.39
CA GLY B 142 0.77 5.34 15.65
C GLY B 142 1.23 6.52 14.82
N VAL B 143 2.34 6.31 14.13
CA VAL B 143 3.01 7.37 13.41
C VAL B 143 2.68 7.26 11.94
N LEU B 144 2.20 8.35 11.33
CA LEU B 144 1.85 8.38 9.92
C LEU B 144 2.54 9.51 9.16
N PRO B 145 2.82 9.28 7.88
CA PRO B 145 3.36 10.37 7.04
C PRO B 145 2.43 11.58 7.03
N GLN B 146 3.02 12.73 7.32
CA GLN B 146 2.28 13.98 7.17
C GLN B 146 1.63 14.06 5.79
N GLU B 147 2.27 13.51 4.77
CA GLU B 147 1.70 13.56 3.42
C GLU B 147 0.32 12.89 3.33
N MET B 148 -0.01 11.95 4.22
CA MET B 148 -1.32 11.30 4.13
C MET B 148 -2.45 12.28 4.42
N PHE B 149 -2.17 13.30 5.22
CA PHE B 149 -3.19 14.30 5.48
C PHE B 149 -3.37 15.21 4.26
N LYS B 150 -2.33 15.39 3.47
CA LYS B 150 -2.46 16.12 2.21
C LYS B 150 -3.24 15.31 1.18
N GLU B 151 -2.93 14.02 1.04
CA GLU B 151 -3.68 13.19 0.09
C GLU B 151 -5.15 13.09 0.46
N ASN B 152 -5.46 13.06 1.75
CA ASN B 152 -6.82 12.82 2.23
C ASN B 152 -7.15 13.81 3.34
N PRO B 153 -7.72 14.97 3.00
CA PRO B 153 -8.07 15.95 4.03
C PRO B 153 -9.05 15.42 5.05
N GLU B 154 -9.83 14.41 4.69
CA GLU B 154 -10.72 13.76 5.65
C GLU B 154 -10.00 13.40 6.93
N LEU B 155 -8.79 12.83 6.82
CA LEU B 155 -8.07 12.37 8.00
C LEU B 155 -7.92 13.47 9.04
N ASN B 156 -7.80 14.73 8.59
CA ASN B 156 -7.79 15.87 9.51
C ASN B 156 -9.01 15.84 10.44
N ASN B 157 -10.17 15.42 9.93
CA ASN B 157 -11.40 15.37 10.72
C ASN B 157 -11.51 14.13 11.59
N LYS B 158 -10.75 13.07 11.30
CA LYS B 158 -10.87 11.81 12.01
C LYS B 158 -9.71 11.52 12.95
N LEU B 159 -8.56 12.15 12.74
CA LEU B 159 -7.36 11.91 13.52
C LEU B 159 -6.88 13.22 14.14
N LYS B 160 -6.11 13.10 15.21
CA LYS B 160 -5.48 14.25 15.84
C LYS B 160 -4.06 13.88 16.25
N ALA B 161 -3.17 14.86 16.15
CA ALA B 161 -1.82 14.65 16.64
C ALA B 161 -1.81 14.52 18.16
N LEU B 162 -0.88 13.74 18.67
CA LEU B 162 -0.67 13.56 20.10
C LEU B 162 0.40 14.54 20.56
N ASP B 163 -0.02 15.65 21.18
CA ASP B 163 0.93 16.67 21.58
C ASP B 163 1.82 16.23 22.71
N VAL B 164 1.52 15.09 23.35
CA VAL B 164 2.44 14.54 24.34
C VAL B 164 3.81 14.28 23.72
N PHE B 165 3.91 14.25 22.38
CA PHE B 165 5.22 14.10 21.76
C PHE B 165 5.87 15.45 21.42
N ASP B 166 5.27 16.57 21.87
CA ASP B 166 5.73 17.88 21.46
C ASP B 166 7.15 18.18 21.93
N PHE B 167 7.57 17.54 22.99
CA PHE B 167 8.88 17.77 23.52
C PHE B 167 9.81 16.67 23.13
N THR B 168 9.42 15.94 22.11
CA THR B 168 10.23 14.87 21.62
C THR B 168 10.63 15.18 20.22
N PRO B 169 11.89 14.74 19.85
CA PRO B 169 12.27 15.07 18.48
C PRO B 169 11.36 14.44 17.45
N ARG B 170 11.12 15.20 16.40
CA ARG B 170 10.23 14.83 15.34
C ARG B 170 10.64 13.56 14.66
N PHE B 171 9.64 12.83 14.20
CA PHE B 171 9.84 11.56 13.48
C PHE B 171 9.94 11.90 11.99
N GLU B 172 10.91 11.34 11.31
CA GLU B 172 11.13 11.64 9.88
C GLU B 172 11.83 10.47 9.19
N TYR B 173 11.76 10.45 7.87
CA TYR B 173 12.56 9.60 7.00
C TYR B 173 13.54 10.45 6.20
N TYR B 174 14.79 9.99 6.16
CA TYR B 174 15.79 10.42 5.17
C TYR B 174 15.61 9.58 3.91
N VAL B 175 15.17 10.20 2.82
CA VAL B 175 14.85 9.48 1.59
C VAL B 175 15.98 9.65 0.58
N ASP B 176 16.51 8.52 0.07
CA ASP B 176 17.55 8.48 -0.94
C ASP B 176 17.03 7.82 -2.22
N LEU B 177 17.50 8.33 -3.36
CA LEU B 177 17.44 7.60 -4.62
C LEU B 177 18.68 6.72 -4.69
N VAL B 178 18.49 5.42 -4.86
CA VAL B 178 19.55 4.44 -4.77
C VAL B 178 19.61 3.59 -6.03
N TRP B 179 20.82 3.25 -6.45
CA TRP B 179 21.05 2.34 -7.56
C TRP B 179 22.27 1.46 -7.28
N SER B 180 22.53 0.54 -8.21
CA SER B 180 23.63 -0.39 -8.09
C SER B 180 24.84 0.13 -8.85
N ARG B 181 26.00 0.08 -8.19
CA ARG B 181 27.25 0.49 -8.84
C ARG B 181 27.57 -0.40 -10.03
N GLU B 182 27.19 -1.68 -9.96
CA GLU B 182 27.54 -2.64 -11.01
C GLU B 182 26.55 -2.62 -12.15
N SER B 183 25.26 -2.48 -11.84
CA SER B 183 24.28 -2.31 -12.89
C SER B 183 24.65 -1.11 -13.76
N GLU B 184 24.37 -1.22 -15.06
CA GLU B 184 24.52 -0.08 -15.93
C GLU B 184 23.14 0.47 -16.21
N LEU B 185 23.04 1.78 -16.22
CA LEU B 185 21.76 2.46 -16.17
C LEU B 185 21.34 2.89 -17.56
N GLY B 186 20.06 2.71 -17.87
CA GLY B 186 19.48 3.25 -19.07
C GLY B 186 19.50 4.77 -19.07
N ALA B 187 19.05 5.33 -20.18
CA ALA B 187 19.01 6.77 -20.34
C ALA B 187 18.05 7.42 -19.35
N ALA B 188 16.93 6.76 -19.07
CA ALA B 188 15.93 7.37 -18.19
C ALA B 188 16.47 7.51 -16.78
N ALA B 189 17.06 6.43 -16.23
CA ALA B 189 17.61 6.50 -14.88
C ALA B 189 18.71 7.54 -14.79
N ARG B 190 19.64 7.52 -15.73
CA ARG B 190 20.74 8.49 -15.72
C ARG B 190 20.20 9.91 -15.77
N PHE B 191 19.15 10.13 -16.57
CA PHE B 191 18.57 11.45 -16.69
C PHE B 191 18.00 11.94 -15.35
N LEU B 192 17.34 11.04 -14.61
CA LEU B 192 16.77 11.42 -13.31
C LEU B 192 17.87 11.71 -12.31
N ILE B 193 18.87 10.83 -12.23
CA ILE B 193 19.98 11.01 -11.31
C ILE B 193 20.68 12.34 -11.59
N ASP B 194 21.06 12.58 -12.86
CA ASP B 194 21.70 13.83 -13.24
C ASP B 194 20.82 15.03 -12.91
N TYR B 195 19.54 14.93 -13.22
CA TYR B 195 18.60 16.00 -12.91
C TYR B 195 18.62 16.33 -11.41
N ILE B 196 18.52 15.32 -10.55
CA ILE B 196 18.53 15.58 -9.11
C ILE B 196 19.83 16.29 -8.73
N ARG B 197 20.96 15.69 -9.07
CA ARG B 197 22.26 16.24 -8.66
C ARG B 197 22.45 17.67 -9.16
N ASN B 198 22.09 17.94 -10.42
CA ASN B 198 22.36 19.26 -11.00
C ASN B 198 21.33 20.31 -10.59
N LYS B 199 20.19 19.91 -10.01
CA LYS B 199 19.23 20.87 -9.50
C LYS B 199 19.60 21.39 -8.12
N ARG B 200 20.50 20.70 -7.44
CA ARG B 200 21.01 21.19 -6.17
C ARG B 200 21.73 22.51 -6.36
N MET B 201 21.44 23.46 -5.47
CA MET B 201 22.13 24.74 -5.46
C MET B 201 23.51 24.57 -4.84
N GLN B 202 24.53 25.07 -5.53
CA GLN B 202 25.91 24.87 -5.07
C GLN B 202 26.46 26.16 -4.44
N PRO B 203 27.30 26.03 -3.42
CA PRO B 203 27.83 27.24 -2.77
C PRO B 203 28.62 28.10 -3.74
N ALA B 204 28.62 29.42 -3.50
CA ALA B 204 29.44 30.31 -4.30
C ALA B 204 30.91 29.97 -4.08
N PRO B 205 31.78 30.26 -5.07
CA PRO B 205 33.21 29.98 -4.91
C PRO B 205 33.90 30.86 -3.86
#